data_5FC5
#
_entry.id   5FC5
#
_cell.length_a   123.734
_cell.length_b   132.900
_cell.length_c   80.135
_cell.angle_alpha   90.00
_cell.angle_beta   90.00
_cell.angle_gamma   90.00
#
_symmetry.space_group_name_H-M   'C 2 2 21'
#
loop_
_entity.id
_entity.type
_entity.pdbx_description
1 polymer 'Acid sphingomyelinase-like phosphodiesterase 3a'
2 branched 2-acetamido-2-deoxy-beta-D-glucopyranose-(1-4)-[alpha-L-fucopyranose-(1-6)]2-acetamido-2-deoxy-beta-D-glucopyranose
3 branched 2-acetamido-2-deoxy-beta-D-glucopyranose-(1-4)-2-acetamido-2-deoxy-beta-D-glucopyranose
4 branched alpha-D-mannopyranose-(1-3)-[alpha-D-mannopyranose-(1-6)]beta-D-mannopyranose-(1-4)-2-acetamido-2-deoxy-beta-D-glucopyranose-(1-4)-2-acetamido-2-deoxy-beta-D-glucopyranose
5 non-polymer 'ZINC ION'
6 non-polymer PHOSPHOCHOLINE
7 non-polymer GLYCEROL
8 water water
#
_entity_poly.entity_id   1
_entity_poly.type   'polypeptide(L)'
_entity_poly.pdbx_seq_one_letter_code
;DRHHHHHHKLVPLAPADRAPAVGQFWHVTDLHLDPTYHITDDRTKVCASSKGANASNPGPFGDVLCDSPYQLILSAFDFI
KNSGQEASFMIWTGDSPPHVPVPELSTGTVIKVITNMTMTVQNLFPNLQVFPALGNHDYWPQDQLPIVTSKVYSAVADLW
KPWLGEEAISTLKKGGFYSQKVASNPGLRIISLNTNLYYGPNIMTLNKTDPANQFEWLENTLNSSLWNKEKVYIIAHVPV
GYLPYATDTPAIRQYYNEKLLDIFRRYSSVIAGQFYGHTHRDSLMVLSDKNGNPLNSVFVAPAVTPVKGVLQKETNNPGV
RLFQYKPGDYTLLDMVQYYLNLTEANLKGESNWTLEYVLTQAYSVADLQPKSLYALVQQFATKDSKQFLKYYHYYFVSYD
SSATCDQHCKTLQVCAIMNLDSMSYDDCLKQHL
;
_entity_poly.pdbx_strand_id   A
#
loop_
_chem_comp.id
_chem_comp.type
_chem_comp.name
_chem_comp.formula
BMA D-saccharide, beta linking beta-D-mannopyranose 'C6 H12 O6'
FUC L-saccharide, alpha linking alpha-L-fucopyranose 'C6 H12 O5'
GOL non-polymer GLYCEROL 'C3 H8 O3'
MAN D-saccharide, alpha linking alpha-D-mannopyranose 'C6 H12 O6'
NAG D-saccharide, beta linking 2-acetamido-2-deoxy-beta-D-glucopyranose 'C8 H15 N O6'
PC non-polymer PHOSPHOCHOLINE 'C5 H15 N O4 P 1'
ZN non-polymer 'ZINC ION' 'Zn 2'
#
# COMPACT_ATOMS: atom_id res chain seq x y z
N HIS A 8 -15.53 39.25 -27.34
CA HIS A 8 -14.47 39.63 -28.29
C HIS A 8 -13.12 39.86 -27.60
N LYS A 9 -12.88 39.17 -26.46
CA LYS A 9 -11.66 39.39 -25.68
C LYS A 9 -11.05 38.11 -25.11
N LEU A 10 -11.41 36.94 -25.64
CA LEU A 10 -10.67 35.70 -25.40
C LEU A 10 -10.41 35.44 -23.91
N VAL A 11 -11.50 35.40 -23.15
CA VAL A 11 -11.45 35.10 -21.72
C VAL A 11 -11.76 33.62 -21.53
N PRO A 12 -11.06 32.90 -20.66
CA PRO A 12 -11.39 31.48 -20.45
C PRO A 12 -12.87 31.30 -20.11
N LEU A 13 -13.47 30.26 -20.70
CA LEU A 13 -14.90 30.03 -20.56
C LEU A 13 -15.20 29.55 -19.15
N ALA A 14 -16.11 30.26 -18.47
CA ALA A 14 -16.42 29.94 -17.08
C ALA A 14 -17.22 28.64 -17.01
N PRO A 15 -16.85 27.68 -16.16
CA PRO A 15 -17.71 26.51 -15.97
C PRO A 15 -18.99 26.89 -15.25
N ALA A 16 -20.09 26.23 -15.63
CA ALA A 16 -21.34 26.40 -14.91
C ALA A 16 -21.13 26.05 -13.44
N ASP A 17 -21.71 26.86 -12.56
CA ASP A 17 -21.46 26.71 -11.13
C ASP A 17 -22.14 25.47 -10.56
N ARG A 18 -21.84 24.31 -11.13
CA ARG A 18 -22.24 23.04 -10.54
C ARG A 18 -21.22 22.65 -9.48
N ALA A 19 -21.46 21.53 -8.80
CA ALA A 19 -20.50 20.99 -7.84
C ALA A 19 -19.34 20.35 -8.58
N PRO A 20 -18.09 20.78 -8.36
CA PRO A 20 -16.95 20.11 -9.01
C PRO A 20 -16.85 18.66 -8.54
N ALA A 21 -16.93 17.73 -9.50
CA ALA A 21 -16.87 16.32 -9.14
C ALA A 21 -15.60 16.03 -8.35
N VAL A 22 -15.68 15.05 -7.45
CA VAL A 22 -14.50 14.67 -6.72
C VAL A 22 -13.44 14.15 -7.70
N GLY A 23 -12.21 14.23 -7.29
CA GLY A 23 -11.15 13.55 -8.00
C GLY A 23 -11.03 12.10 -7.47
N GLN A 24 -10.42 11.20 -8.26
CA GLN A 24 -10.25 9.81 -7.83
C GLN A 24 -8.94 9.24 -8.32
N PHE A 25 -8.36 8.33 -7.52
CA PHE A 25 -7.18 7.60 -7.95
C PHE A 25 -7.28 6.19 -7.35
N TRP A 26 -6.75 5.23 -8.09
CA TRP A 26 -6.64 3.84 -7.70
C TRP A 26 -5.32 3.59 -6.98
N HIS A 27 -5.37 2.65 -6.05
CA HIS A 27 -4.21 2.12 -5.36
C HIS A 27 -4.26 0.61 -5.49
N VAL A 28 -3.24 0.04 -6.12
CA VAL A 28 -3.06 -1.40 -6.20
C VAL A 28 -1.69 -1.73 -5.63
N THR A 29 -1.57 -2.92 -5.05
CA THR A 29 -0.32 -3.28 -4.39
C THR A 29 -0.17 -4.79 -4.29
N ASP A 30 1.09 -5.22 -4.16
CA ASP A 30 1.43 -6.60 -3.80
C ASP A 30 0.76 -7.62 -4.75
N LEU A 31 1.05 -7.44 -6.03
CA LEU A 31 0.51 -8.30 -7.08
C LEU A 31 1.09 -9.71 -6.99
N HIS A 32 2.41 -9.82 -6.70
CA HIS A 32 3.10 -11.11 -6.52
C HIS A 32 2.68 -12.12 -7.57
N LEU A 33 3.02 -11.87 -8.83
CA LEU A 33 2.76 -12.82 -9.90
C LEU A 33 3.56 -14.08 -9.66
N ASP A 34 2.91 -15.24 -9.70
CA ASP A 34 3.63 -16.52 -9.76
C ASP A 34 3.44 -17.09 -11.17
N PRO A 35 4.42 -16.92 -12.05
CA PRO A 35 4.31 -17.51 -13.41
C PRO A 35 4.25 -19.03 -13.44
N THR A 36 4.55 -19.73 -12.33
CA THR A 36 4.52 -21.19 -12.34
C THR A 36 3.12 -21.75 -12.12
N TYR A 37 2.13 -20.92 -11.79
CA TYR A 37 0.84 -21.41 -11.35
C TYR A 37 0.17 -22.21 -12.47
N HIS A 38 -0.23 -23.45 -12.15
CA HIS A 38 -0.91 -24.33 -13.11
CA HIS A 38 -0.92 -24.32 -13.11
C HIS A 38 -1.61 -25.41 -12.32
N ILE A 39 -2.88 -25.68 -12.65
CA ILE A 39 -3.63 -26.72 -11.96
C ILE A 39 -3.09 -28.09 -12.37
N THR A 40 -2.80 -28.93 -11.39
CA THR A 40 -2.28 -30.27 -11.65
C THR A 40 -2.65 -31.16 -10.47
N ASP A 41 -2.72 -32.47 -10.74
CA ASP A 41 -3.23 -33.42 -9.77
C ASP A 41 -2.40 -33.40 -8.50
N ASP A 42 -1.08 -33.46 -8.63
CA ASP A 42 -0.18 -33.31 -7.49
C ASP A 42 -0.21 -31.84 -7.02
N ARG A 43 -0.94 -31.59 -5.93
CA ARG A 43 -1.15 -30.21 -5.49
C ARG A 43 0.12 -29.55 -4.98
N THR A 44 1.23 -30.30 -4.80
CA THR A 44 2.52 -29.72 -4.45
C THR A 44 3.25 -29.15 -5.65
N LYS A 45 2.67 -29.27 -6.85
CA LYS A 45 3.23 -28.75 -8.09
C LYS A 45 2.33 -27.69 -8.75
N VAL A 46 1.27 -27.27 -8.06
CA VAL A 46 0.43 -26.21 -8.60
C VAL A 46 1.21 -24.89 -8.69
N CYS A 47 2.04 -24.58 -7.69
CA CYS A 47 2.73 -23.29 -7.71
C CYS A 47 4.00 -23.42 -6.91
N ALA A 48 5.09 -22.87 -7.46
CA ALA A 48 6.34 -22.84 -6.72
C ALA A 48 6.21 -22.04 -5.44
N SER A 49 5.33 -21.03 -5.42
CA SER A 49 5.23 -20.20 -4.22
C SER A 49 4.69 -20.99 -3.01
N SER A 50 4.00 -22.14 -3.19
CA SER A 50 3.63 -22.91 -2.01
C SER A 50 4.81 -23.69 -1.42
N LYS A 51 5.96 -23.70 -2.10
CA LYS A 51 7.20 -24.26 -1.59
C LYS A 51 7.00 -25.69 -1.13
N GLY A 52 6.41 -26.50 -2.00
CA GLY A 52 6.23 -27.90 -1.73
C GLY A 52 4.99 -28.24 -0.93
N ALA A 53 4.30 -27.26 -0.37
CA ALA A 53 3.05 -27.60 0.30
C ALA A 53 1.95 -27.89 -0.72
N ASN A 54 0.95 -28.68 -0.31
CA ASN A 54 -0.22 -28.93 -1.16
C ASN A 54 -1.08 -27.68 -1.22
N ALA A 55 -1.26 -27.14 -2.41
CA ALA A 55 -2.30 -26.14 -2.61
C ALA A 55 -3.61 -26.62 -1.98
N SER A 56 -4.35 -25.71 -1.35
CA SER A 56 -5.46 -26.15 -0.52
C SER A 56 -6.70 -26.47 -1.34
N ASN A 57 -7.04 -25.61 -2.27
CA ASN A 57 -8.26 -25.85 -3.06
C ASN A 57 -8.16 -24.97 -4.29
N PRO A 58 -7.23 -25.28 -5.19
CA PRO A 58 -6.81 -24.32 -6.20
C PRO A 58 -7.83 -24.20 -7.32
N GLY A 59 -7.95 -23.00 -7.85
CA GLY A 59 -8.82 -22.76 -8.97
C GLY A 59 -8.15 -21.84 -9.95
N PRO A 60 -8.91 -21.37 -10.94
CA PRO A 60 -8.30 -20.54 -11.98
C PRO A 60 -7.83 -19.20 -11.47
N PHE A 61 -8.38 -18.69 -10.37
CA PHE A 61 -7.96 -17.38 -9.88
C PHE A 61 -6.99 -17.47 -8.72
N GLY A 62 -6.60 -18.70 -8.31
CA GLY A 62 -5.55 -18.90 -7.34
C GLY A 62 -5.91 -19.84 -6.22
N ASP A 63 -5.06 -19.80 -5.18
CA ASP A 63 -5.21 -20.63 -4.00
C ASP A 63 -4.62 -19.89 -2.81
N VAL A 64 -5.13 -20.14 -1.61
CA VAL A 64 -4.60 -19.39 -0.47
C VAL A 64 -3.15 -19.71 -0.18
N LEU A 65 -2.61 -20.85 -0.66
CA LEU A 65 -1.21 -21.20 -0.42
C LEU A 65 -0.30 -20.80 -1.59
N CYS A 66 -0.83 -20.08 -2.58
CA CYS A 66 -0.09 -19.68 -3.77
C CYS A 66 -0.12 -18.17 -3.93
N ASP A 67 0.89 -17.64 -4.61
CA ASP A 67 0.82 -16.30 -5.13
C ASP A 67 -0.05 -16.26 -6.38
N SER A 68 -0.17 -15.07 -6.96
CA SER A 68 -1.26 -14.77 -7.90
C SER A 68 -1.03 -15.47 -9.22
N PRO A 69 -2.00 -16.22 -9.75
CA PRO A 69 -1.97 -16.54 -11.18
C PRO A 69 -2.08 -15.25 -12.00
N TYR A 70 -1.46 -15.26 -13.17
CA TYR A 70 -1.67 -14.15 -14.09
C TYR A 70 -3.15 -13.85 -14.29
N GLN A 71 -3.99 -14.88 -14.35
CA GLN A 71 -5.41 -14.59 -14.56
C GLN A 71 -6.00 -13.78 -13.43
N LEU A 72 -5.52 -13.93 -12.20
CA LEU A 72 -6.05 -13.15 -11.09
C LEU A 72 -5.68 -11.68 -11.24
N ILE A 73 -4.43 -11.40 -11.55
CA ILE A 73 -3.97 -10.02 -11.75
C ILE A 73 -4.68 -9.38 -12.93
N LEU A 74 -4.80 -10.11 -14.03
CA LEU A 74 -5.57 -9.60 -15.16
C LEU A 74 -7.01 -9.31 -14.77
N SER A 75 -7.62 -10.17 -13.94
CA SER A 75 -9.00 -9.91 -13.56
C SER A 75 -9.13 -8.64 -12.72
N ALA A 76 -8.14 -8.37 -11.88
CA ALA A 76 -8.16 -7.15 -11.06
C ALA A 76 -8.10 -5.88 -11.92
N PHE A 77 -7.17 -5.85 -12.87
CA PHE A 77 -7.00 -4.67 -13.72
C PHE A 77 -8.12 -4.54 -14.74
N ASP A 78 -8.64 -5.66 -15.25
CA ASP A 78 -9.86 -5.64 -16.05
C ASP A 78 -11.04 -5.08 -15.28
N PHE A 79 -11.22 -5.49 -14.04
CA PHE A 79 -12.24 -4.87 -13.20
C PHE A 79 -12.05 -3.35 -13.14
N ILE A 80 -10.83 -2.89 -12.89
CA ILE A 80 -10.58 -1.45 -12.82
C ILE A 80 -10.96 -0.78 -14.15
N LYS A 81 -10.48 -1.34 -15.26
CA LYS A 81 -10.70 -0.77 -16.58
C LYS A 81 -12.18 -0.66 -16.90
N ASN A 82 -12.97 -1.67 -16.53
CA ASN A 82 -14.38 -1.73 -16.85
C ASN A 82 -15.27 -1.24 -15.73
N SER A 83 -14.69 -0.66 -14.68
CA SER A 83 -15.46 -0.29 -13.50
C SER A 83 -16.43 0.87 -13.73
N GLY A 84 -16.23 1.69 -14.77
CA GLY A 84 -16.96 2.94 -14.90
C GLY A 84 -16.46 4.09 -14.02
N GLN A 85 -15.52 3.84 -13.14
CA GLN A 85 -14.92 4.87 -12.28
C GLN A 85 -13.90 5.66 -13.05
N GLU A 86 -14.07 6.96 -13.05
CA GLU A 86 -13.05 7.84 -13.57
C GLU A 86 -11.92 7.91 -12.55
N ALA A 87 -10.70 8.06 -13.04
CA ALA A 87 -9.55 8.16 -12.17
C ALA A 87 -8.50 8.95 -12.90
N SER A 88 -7.88 9.90 -12.21
CA SER A 88 -6.85 10.67 -12.90
C SER A 88 -5.45 10.11 -12.73
N PHE A 89 -5.24 9.18 -11.81
CA PHE A 89 -3.96 8.49 -11.75
C PHE A 89 -4.15 7.22 -10.92
N MET A 90 -3.10 6.42 -10.89
CA MET A 90 -3.03 5.22 -10.08
C MET A 90 -1.71 5.20 -9.31
N ILE A 91 -1.73 4.74 -8.05
CA ILE A 91 -0.51 4.44 -7.32
C ILE A 91 -0.38 2.92 -7.18
N TRP A 92 0.86 2.46 -7.22
CA TRP A 92 1.18 1.03 -7.33
C TRP A 92 2.40 0.78 -6.43
N THR A 93 2.17 0.23 -5.25
CA THR A 93 3.19 0.24 -4.21
C THR A 93 3.94 -1.08 -4.08
N GLY A 94 4.18 -1.79 -5.18
CA GLY A 94 5.31 -2.70 -5.26
C GLY A 94 4.97 -4.16 -5.00
N ASP A 95 6.06 -4.97 -4.98
CA ASP A 95 6.09 -6.42 -4.68
C ASP A 95 5.47 -7.27 -5.79
N SER A 96 6.17 -7.40 -6.94
CA SER A 96 5.65 -8.07 -8.15
C SER A 96 6.10 -9.53 -8.31
N PRO A 97 7.34 -9.90 -7.97
CA PRO A 97 7.74 -11.31 -8.02
C PRO A 97 7.12 -12.12 -6.90
N PRO A 98 7.11 -13.44 -7.04
CA PRO A 98 6.40 -14.30 -6.08
C PRO A 98 7.29 -14.69 -4.91
N HIS A 99 6.67 -15.32 -3.92
CA HIS A 99 7.40 -15.76 -2.72
C HIS A 99 7.97 -17.15 -3.00
N VAL A 100 9.20 -17.18 -3.49
CA VAL A 100 9.95 -18.43 -3.70
C VAL A 100 11.38 -18.22 -3.19
N PRO A 101 12.09 -19.31 -2.93
CA PRO A 101 13.48 -19.21 -2.46
C PRO A 101 14.37 -18.40 -3.40
N VAL A 102 15.37 -17.75 -2.80
CA VAL A 102 16.28 -16.89 -3.57
C VAL A 102 16.87 -17.61 -4.76
N PRO A 103 17.36 -18.85 -4.65
CA PRO A 103 17.94 -19.54 -5.81
C PRO A 103 16.96 -19.78 -6.95
N GLU A 104 15.65 -19.65 -6.73
CA GLU A 104 14.70 -19.83 -7.82
C GLU A 104 14.43 -18.54 -8.58
N LEU A 105 15.06 -17.46 -8.20
CA LEU A 105 14.94 -16.19 -8.90
C LEU A 105 16.34 -15.74 -9.30
N SER A 106 16.38 -14.55 -9.85
CA SER A 106 17.60 -13.90 -10.29
C SER A 106 17.26 -12.46 -10.61
N THR A 107 18.29 -11.63 -10.80
CA THR A 107 18.02 -10.26 -11.18
C THR A 107 17.22 -10.19 -12.46
N GLY A 108 17.59 -11.00 -13.44
CA GLY A 108 16.88 -10.96 -14.71
C GLY A 108 15.45 -11.42 -14.58
N THR A 109 15.20 -12.43 -13.72
CA THR A 109 13.82 -12.88 -13.54
C THR A 109 12.98 -11.83 -12.84
N VAL A 110 13.53 -11.19 -11.81
CA VAL A 110 12.83 -10.09 -11.16
C VAL A 110 12.49 -9.01 -12.17
N ILE A 111 13.45 -8.60 -13.00
CA ILE A 111 13.18 -7.53 -13.95
C ILE A 111 12.12 -7.97 -14.94
N LYS A 112 12.13 -9.25 -15.29
CA LYS A 112 11.15 -9.76 -16.22
C LYS A 112 9.73 -9.72 -15.63
N VAL A 113 9.57 -10.01 -14.35
CA VAL A 113 8.23 -9.97 -13.75
C VAL A 113 7.75 -8.53 -13.62
N ILE A 114 8.62 -7.61 -13.17
CA ILE A 114 8.23 -6.22 -13.05
C ILE A 114 7.87 -5.64 -14.41
N THR A 115 8.62 -6.02 -15.44
CA THR A 115 8.32 -5.62 -16.82
C THR A 115 6.95 -6.12 -17.25
N ASN A 116 6.67 -7.39 -16.99
CA ASN A 116 5.36 -7.94 -17.29
C ASN A 116 4.25 -7.15 -16.60
N MET A 117 4.41 -6.87 -15.30
CA MET A 117 3.36 -6.14 -14.62
C MET A 117 3.24 -4.73 -15.18
N THR A 118 4.39 -4.08 -15.43
CA THR A 118 4.39 -2.71 -15.94
C THR A 118 3.72 -2.65 -17.32
N MET A 119 4.11 -3.54 -18.23
CA MET A 119 3.52 -3.55 -19.56
CA MET A 119 3.52 -3.54 -19.57
C MET A 119 2.05 -3.91 -19.52
N THR A 120 1.65 -4.78 -18.60
CA THR A 120 0.24 -5.11 -18.44
C THR A 120 -0.55 -3.85 -18.15
N VAL A 121 -0.07 -3.06 -17.22
CA VAL A 121 -0.76 -1.85 -16.82
C VAL A 121 -0.78 -0.86 -17.99
N GLN A 122 0.38 -0.66 -18.63
CA GLN A 122 0.47 0.28 -19.73
C GLN A 122 -0.41 -0.14 -20.91
N ASN A 123 -0.49 -1.45 -21.19
CA ASN A 123 -1.38 -1.95 -22.24
C ASN A 123 -2.84 -1.69 -21.91
N LEU A 124 -3.26 -2.01 -20.68
CA LEU A 124 -4.67 -1.82 -20.35
C LEU A 124 -5.06 -0.36 -20.12
N PHE A 125 -4.12 0.50 -19.70
CA PHE A 125 -4.43 1.87 -19.27
C PHE A 125 -3.51 2.84 -20.01
N PRO A 126 -3.61 2.90 -21.34
CA PRO A 126 -2.62 3.69 -22.08
C PRO A 126 -2.62 5.16 -21.74
N ASN A 127 -3.70 5.71 -21.19
CA ASN A 127 -3.76 7.14 -20.93
C ASN A 127 -3.63 7.52 -19.45
N LEU A 128 -3.20 6.60 -18.58
CA LEU A 128 -3.25 6.80 -17.13
C LEU A 128 -1.82 6.95 -16.61
N GLN A 129 -1.55 8.06 -15.93
CA GLN A 129 -0.28 8.20 -15.23
C GLN A 129 -0.29 7.31 -13.98
N VAL A 130 0.75 6.50 -13.84
CA VAL A 130 0.84 5.55 -12.73
C VAL A 130 2.09 5.91 -11.95
N PHE A 131 2.01 5.88 -10.61
CA PHE A 131 3.13 6.24 -9.74
C PHE A 131 3.54 4.98 -9.00
N PRO A 132 4.56 4.27 -9.45
CA PRO A 132 4.98 3.05 -8.75
C PRO A 132 5.97 3.36 -7.64
N ALA A 133 6.01 2.44 -6.68
CA ALA A 133 7.08 2.34 -5.71
C ALA A 133 7.62 0.91 -5.70
N LEU A 134 8.88 0.76 -5.31
CA LEU A 134 9.47 -0.57 -5.24
C LEU A 134 9.08 -1.26 -3.94
N GLY A 135 8.88 -2.56 -4.01
CA GLY A 135 8.70 -3.40 -2.82
C GLY A 135 9.95 -4.22 -2.53
N ASN A 136 9.94 -4.87 -1.37
CA ASN A 136 11.14 -5.59 -0.94
C ASN A 136 11.39 -6.81 -1.81
N HIS A 137 10.37 -7.34 -2.48
CA HIS A 137 10.62 -8.42 -3.39
C HIS A 137 11.03 -7.96 -4.78
N ASP A 138 11.04 -6.64 -5.03
CA ASP A 138 11.39 -6.09 -6.34
C ASP A 138 12.88 -5.92 -6.52
N TYR A 139 13.63 -6.93 -6.12
CA TYR A 139 15.09 -6.91 -6.14
C TYR A 139 15.57 -8.33 -5.92
N TRP A 140 16.78 -8.64 -6.40
CA TRP A 140 17.33 -9.98 -6.18
C TRP A 140 18.75 -9.83 -5.62
N PRO A 141 19.03 -10.51 -4.49
CA PRO A 141 18.10 -11.28 -3.64
C PRO A 141 17.05 -10.37 -2.99
N GLN A 142 15.91 -10.95 -2.65
CA GLN A 142 14.83 -10.18 -2.04
C GLN A 142 15.35 -9.45 -0.81
N ASP A 143 14.75 -8.28 -0.59
CA ASP A 143 14.98 -7.40 0.55
C ASP A 143 16.33 -6.70 0.52
N GLN A 144 17.24 -7.06 -0.37
CA GLN A 144 18.60 -6.47 -0.33
C GLN A 144 18.72 -5.22 -1.21
N LEU A 145 17.81 -4.28 -1.07
CA LEU A 145 17.81 -3.12 -1.98
C LEU A 145 18.98 -2.19 -1.65
N PRO A 146 19.78 -1.79 -2.64
CA PRO A 146 21.06 -1.13 -2.37
C PRO A 146 20.94 0.38 -2.20
N ILE A 147 22.04 0.98 -1.78
CA ILE A 147 22.09 2.41 -1.51
C ILE A 147 22.78 3.16 -2.65
N VAL A 148 23.07 2.49 -3.76
CA VAL A 148 23.68 3.06 -4.96
C VAL A 148 22.97 2.47 -6.17
N THR A 149 23.29 2.99 -7.35
CA THR A 149 22.55 2.53 -8.51
C THR A 149 22.78 1.04 -8.75
N SER A 150 21.85 0.43 -9.45
CA SER A 150 21.86 -1.02 -9.63
C SER A 150 21.11 -1.36 -10.90
N LYS A 151 21.21 -2.63 -11.30
CA LYS A 151 20.52 -3.02 -12.53
C LYS A 151 19.01 -2.90 -12.39
N VAL A 152 18.47 -3.21 -11.21
CA VAL A 152 17.01 -3.15 -11.01
C VAL A 152 16.55 -1.71 -11.03
N TYR A 153 17.27 -0.83 -10.33
CA TYR A 153 16.89 0.58 -10.31
C TYR A 153 16.92 1.16 -11.71
N SER A 154 17.96 0.84 -12.49
CA SER A 154 18.04 1.34 -13.85
CA SER A 154 18.05 1.33 -13.86
C SER A 154 16.94 0.75 -14.72
N ALA A 155 16.62 -0.53 -14.53
CA ALA A 155 15.55 -1.13 -15.33
C ALA A 155 14.19 -0.52 -15.01
N VAL A 156 13.88 -0.30 -13.73
CA VAL A 156 12.55 0.23 -13.47
C VAL A 156 12.48 1.69 -13.87
N ALA A 157 13.61 2.40 -13.81
CA ALA A 157 13.63 3.78 -14.30
C ALA A 157 13.30 3.84 -15.79
N ASP A 158 13.83 2.90 -16.56
CA ASP A 158 13.46 2.83 -17.97
C ASP A 158 12.00 2.41 -18.17
N LEU A 159 11.52 1.44 -17.40
CA LEU A 159 10.15 0.94 -17.54
C LEU A 159 9.14 2.00 -17.18
N TRP A 160 9.49 2.87 -16.23
CA TRP A 160 8.53 3.81 -15.72
C TRP A 160 8.67 5.20 -16.35
N LYS A 161 9.57 5.37 -17.32
CA LYS A 161 9.71 6.64 -18.04
C LYS A 161 8.41 7.18 -18.63
N PRO A 162 7.46 6.38 -19.09
CA PRO A 162 6.23 6.96 -19.64
C PRO A 162 5.46 7.78 -18.65
N TRP A 163 5.68 7.56 -17.34
CA TRP A 163 4.88 8.17 -16.31
C TRP A 163 5.60 9.27 -15.56
N LEU A 164 6.93 9.32 -15.64
CA LEU A 164 7.76 10.16 -14.80
C LEU A 164 8.67 11.07 -15.62
N GLY A 165 8.93 12.27 -15.08
CA GLY A 165 9.83 13.22 -15.69
C GLY A 165 11.27 12.86 -15.42
N GLU A 166 12.15 13.67 -16.00
CA GLU A 166 13.57 13.37 -16.00
C GLU A 166 14.16 13.36 -14.61
N GLU A 167 13.75 14.31 -13.76
CA GLU A 167 14.34 14.37 -12.43
C GLU A 167 13.95 13.13 -11.61
N ALA A 168 12.69 12.68 -11.73
CA ALA A 168 12.25 11.47 -11.05
C ALA A 168 13.01 10.26 -11.54
N ILE A 169 13.21 10.19 -12.85
CA ILE A 169 13.95 9.06 -13.39
C ILE A 169 15.37 9.02 -12.85
N SER A 170 15.97 10.20 -12.64
CA SER A 170 17.36 10.26 -12.20
CA SER A 170 17.36 10.25 -12.20
C SER A 170 17.50 9.80 -10.75
N THR A 171 16.58 10.23 -9.87
CA THR A 171 16.65 9.75 -8.49
C THR A 171 16.24 8.28 -8.38
N LEU A 172 15.29 7.83 -9.21
CA LEU A 172 14.90 6.43 -9.20
C LEU A 172 16.08 5.54 -9.53
N LYS A 173 16.87 5.94 -10.53
CA LYS A 173 17.98 5.13 -10.98
C LYS A 173 19.08 5.06 -9.92
N LYS A 174 19.22 6.10 -9.14
CA LYS A 174 20.27 6.16 -8.14
C LYS A 174 19.88 5.48 -6.83
N GLY A 175 18.62 5.56 -6.41
CA GLY A 175 18.27 5.10 -5.07
C GLY A 175 16.91 4.45 -4.94
N GLY A 176 16.13 4.35 -6.04
CA GLY A 176 14.83 3.70 -6.01
C GLY A 176 13.70 4.52 -5.44
N PHE A 177 13.84 5.86 -5.42
CA PHE A 177 12.80 6.75 -4.93
C PHE A 177 12.71 7.97 -5.87
N TYR A 178 11.61 8.71 -5.78
CA TYR A 178 11.46 9.93 -6.61
C TYR A 178 10.30 10.75 -6.07
N SER A 179 10.22 12.02 -6.50
CA SER A 179 8.97 12.76 -6.40
C SER A 179 8.56 13.17 -7.81
N GLN A 180 7.28 13.43 -8.00
CA GLN A 180 6.75 13.71 -9.33
C GLN A 180 5.48 14.52 -9.20
N LYS A 181 5.43 15.66 -9.88
CA LYS A 181 4.17 16.39 -10.01
C LYS A 181 3.13 15.60 -10.80
N VAL A 182 1.90 15.65 -10.32
CA VAL A 182 0.80 14.95 -10.98
C VAL A 182 0.29 15.82 -12.11
N ALA A 183 0.40 15.30 -13.32
CA ALA A 183 0.07 16.10 -14.50
C ALA A 183 -1.37 16.57 -14.43
N SER A 184 -2.29 15.64 -14.19
CA SER A 184 -3.71 15.99 -14.22
C SER A 184 -4.16 16.83 -13.01
N ASN A 185 -3.27 17.13 -12.06
CA ASN A 185 -3.66 17.70 -10.76
C ASN A 185 -2.64 18.72 -10.28
N PRO A 186 -2.66 19.93 -10.84
CA PRO A 186 -1.71 20.97 -10.41
C PRO A 186 -1.79 21.28 -8.92
N GLY A 187 -0.63 21.44 -8.30
CA GLY A 187 -0.56 21.62 -6.89
C GLY A 187 -0.38 20.30 -6.10
N LEU A 188 -0.49 19.14 -6.75
CA LEU A 188 -0.26 17.84 -6.08
C LEU A 188 1.06 17.23 -6.52
N ARG A 189 1.86 16.77 -5.56
CA ARG A 189 3.09 16.04 -5.85
C ARG A 189 3.05 14.68 -5.17
N ILE A 190 3.45 13.64 -5.87
CA ILE A 190 3.63 12.31 -5.29
C ILE A 190 5.08 12.15 -4.86
N ILE A 191 5.30 11.68 -3.64
CA ILE A 191 6.61 11.30 -3.15
C ILE A 191 6.60 9.79 -2.97
N SER A 192 7.39 9.11 -3.77
CA SER A 192 7.48 7.66 -3.74
C SER A 192 8.77 7.29 -3.05
N LEU A 193 8.65 6.85 -1.81
CA LEU A 193 9.81 6.47 -1.02
C LEU A 193 10.18 5.02 -1.24
N ASN A 194 11.46 4.75 -1.05
CA ASN A 194 12.00 3.39 -1.00
C ASN A 194 12.16 3.02 0.48
N THR A 195 11.05 2.62 1.11
CA THR A 195 11.14 2.23 2.53
C THR A 195 11.74 0.86 2.73
N ASN A 196 12.03 0.13 1.65
CA ASN A 196 12.78 -1.11 1.79
C ASN A 196 14.21 -0.86 2.25
N LEU A 197 14.70 0.37 2.12
CA LEU A 197 15.99 0.71 2.71
C LEU A 197 15.94 0.64 4.23
N TYR A 198 14.75 0.73 4.82
CA TYR A 198 14.61 0.72 6.26
C TYR A 198 14.11 -0.62 6.79
N TYR A 199 13.88 -1.61 5.91
CA TYR A 199 13.29 -2.89 6.28
C TYR A 199 14.35 -3.82 6.91
N GLY A 200 13.96 -4.45 8.03
CA GLY A 200 14.85 -5.24 8.87
C GLY A 200 15.78 -6.20 8.14
N PRO A 201 15.26 -6.99 7.19
CA PRO A 201 16.10 -7.98 6.48
C PRO A 201 17.15 -7.41 5.55
N ASN A 202 17.19 -6.08 5.36
CA ASN A 202 18.09 -5.50 4.37
C ASN A 202 19.49 -5.35 4.94
N ILE A 203 20.39 -6.25 4.55
CA ILE A 203 21.78 -6.18 5.05
C ILE A 203 22.47 -4.94 4.56
N MET A 204 22.06 -4.45 3.38
CA MET A 204 22.79 -3.36 2.72
C MET A 204 22.70 -2.04 3.48
N THR A 205 21.75 -1.88 4.42
CA THR A 205 21.60 -0.60 5.11
C THR A 205 21.89 -0.68 6.58
N LEU A 206 22.44 -1.81 7.06
CA LEU A 206 22.75 -1.95 8.47
C LEU A 206 23.66 -0.84 8.95
N ASN A 207 23.24 -0.19 10.03
CA ASN A 207 24.01 0.86 10.68
C ASN A 207 24.23 2.09 9.81
N LYS A 208 23.45 2.31 8.74
CA LYS A 208 23.50 3.56 7.97
C LYS A 208 22.53 4.58 8.52
N THR A 209 23.00 5.81 8.77
CA THR A 209 22.14 6.84 9.34
C THR A 209 21.18 7.40 8.31
N ASP A 210 21.59 7.45 7.03
CA ASP A 210 20.74 7.98 5.96
C ASP A 210 21.05 7.24 4.68
N PRO A 211 20.63 5.98 4.58
CA PRO A 211 20.88 5.22 3.35
C PRO A 211 20.30 5.88 2.09
N ALA A 212 21.13 5.94 1.03
CA ALA A 212 20.87 6.62 -0.24
C ALA A 212 20.52 8.11 -0.08
N ASN A 213 20.82 8.71 1.07
CA ASN A 213 20.48 10.10 1.35
C ASN A 213 18.99 10.38 1.21
N GLN A 214 18.16 9.35 1.42
CA GLN A 214 16.73 9.54 1.22
C GLN A 214 16.11 10.46 2.26
N PHE A 215 16.60 10.45 3.50
CA PHE A 215 16.04 11.38 4.48
C PHE A 215 16.33 12.83 4.10
N GLU A 216 17.60 13.14 3.79
CA GLU A 216 17.96 14.49 3.35
C GLU A 216 17.15 14.90 2.13
N TRP A 217 17.00 14.00 1.17
CA TRP A 217 16.23 14.34 -0.02
C TRP A 217 14.77 14.58 0.33
N LEU A 218 14.22 13.74 1.21
CA LEU A 218 12.81 13.90 1.61
C LEU A 218 12.57 15.22 2.30
N GLU A 219 13.44 15.59 3.25
CA GLU A 219 13.32 16.87 3.93
C GLU A 219 13.37 18.04 2.94
N ASN A 220 14.30 17.98 1.99
CA ASN A 220 14.39 19.06 1.00
C ASN A 220 13.16 19.10 0.12
N THR A 221 12.68 17.93 -0.32
CA THR A 221 11.49 17.86 -1.15
C THR A 221 10.27 18.44 -0.44
N LEU A 222 10.06 18.02 0.81
CA LEU A 222 8.91 18.53 1.57
C LEU A 222 9.05 20.03 1.84
N ASN A 223 10.24 20.46 2.20
CA ASN A 223 10.45 21.89 2.40
C ASN A 223 10.10 22.67 1.13
N SER A 224 10.53 22.18 -0.03
CA SER A 224 10.17 22.84 -1.28
CA SER A 224 10.18 22.85 -1.28
C SER A 224 8.67 22.87 -1.51
N SER A 225 8.00 21.74 -1.24
CA SER A 225 6.57 21.67 -1.41
C SER A 225 5.88 22.65 -0.48
N LEU A 226 6.37 22.75 0.75
CA LEU A 226 5.81 23.66 1.73
C LEU A 226 5.87 25.11 1.19
N TRP A 227 7.04 25.52 0.69
CA TRP A 227 7.20 26.91 0.23
C TRP A 227 6.57 27.16 -1.13
N ASN A 228 6.33 26.13 -1.93
CA ASN A 228 5.65 26.23 -3.20
C ASN A 228 4.15 25.95 -3.10
N LYS A 229 3.62 25.84 -1.89
CA LYS A 229 2.21 25.63 -1.66
C LYS A 229 1.66 24.40 -2.39
N GLU A 230 2.50 23.36 -2.54
CA GLU A 230 2.03 22.06 -2.99
C GLU A 230 1.46 21.25 -1.82
N LYS A 231 0.64 20.27 -2.18
CA LYS A 231 0.25 19.16 -1.31
C LYS A 231 0.94 17.90 -1.79
N VAL A 232 1.21 16.99 -0.84
CA VAL A 232 1.99 15.80 -1.12
C VAL A 232 1.16 14.57 -0.72
N TYR A 233 1.19 13.54 -1.58
CA TYR A 233 0.82 12.18 -1.21
C TYR A 233 2.11 11.36 -1.12
N ILE A 234 2.34 10.75 0.05
CA ILE A 234 3.46 9.83 0.26
C ILE A 234 3.00 8.43 -0.11
N ILE A 235 3.76 7.77 -0.96
CA ILE A 235 3.54 6.36 -1.26
C ILE A 235 4.82 5.60 -1.00
N ALA A 236 4.68 4.38 -0.48
CA ALA A 236 5.82 3.51 -0.25
C ALA A 236 5.32 2.08 -0.06
N HIS A 237 6.26 1.14 -0.07
CA HIS A 237 5.89 -0.27 0.10
C HIS A 237 5.73 -0.58 1.59
N VAL A 238 6.82 -0.67 2.34
CA VAL A 238 6.75 -0.99 3.77
C VAL A 238 6.27 0.26 4.51
N PRO A 239 5.26 0.14 5.36
CA PRO A 239 4.76 1.32 6.09
C PRO A 239 5.60 1.70 7.30
N VAL A 240 5.35 2.93 7.78
CA VAL A 240 5.74 3.36 9.11
C VAL A 240 4.81 2.75 10.16
N GLY A 241 5.18 2.89 11.41
CA GLY A 241 4.36 2.41 12.49
C GLY A 241 4.68 0.98 12.93
N TYR A 242 3.74 0.39 13.67
CA TYR A 242 3.94 -0.90 14.34
C TYR A 242 3.06 -1.96 13.70
N LEU A 243 3.59 -3.17 13.62
CA LEU A 243 2.80 -4.31 13.14
C LEU A 243 1.55 -4.45 13.99
N PRO A 244 0.35 -4.56 13.40
CA PRO A 244 -0.85 -4.60 14.26
C PRO A 244 -1.13 -5.97 14.85
N TYR A 245 -0.39 -6.99 14.45
CA TYR A 245 -0.62 -8.39 14.84
C TYR A 245 0.48 -8.93 15.72
N ALA A 246 1.47 -8.11 16.04
CA ALA A 246 2.59 -8.51 16.90
C ALA A 246 2.79 -7.42 17.94
N THR A 247 3.48 -7.76 19.04
CA THR A 247 3.66 -6.79 20.10
C THR A 247 4.94 -5.99 19.89
N ASP A 248 4.82 -4.67 19.88
CA ASP A 248 5.98 -3.77 20.05
C ASP A 248 7.03 -3.97 18.97
N THR A 249 6.58 -4.20 17.73
CA THR A 249 7.44 -4.50 16.59
C THR A 249 7.25 -3.46 15.49
N PRO A 250 8.18 -2.52 15.34
CA PRO A 250 8.08 -1.55 14.24
C PRO A 250 8.19 -2.25 12.90
N ALA A 251 7.42 -1.77 11.91
CA ALA A 251 7.45 -2.38 10.58
C ALA A 251 8.77 -2.14 9.87
N ILE A 252 9.44 -1.05 10.15
CA ILE A 252 10.80 -0.79 9.67
C ILE A 252 11.65 -0.63 10.92
N ARG A 253 12.98 -0.68 10.78
CA ARG A 253 13.84 -0.58 11.95
C ARG A 253 13.50 0.64 12.78
N GLN A 254 13.47 0.45 14.09
CA GLN A 254 12.99 1.50 14.99
C GLN A 254 13.69 2.84 14.74
N TYR A 255 15.01 2.82 14.52
CA TYR A 255 15.74 4.07 14.27
C TYR A 255 15.14 4.84 13.09
N TYR A 256 14.85 4.11 12.00
CA TYR A 256 14.26 4.71 10.82
C TYR A 256 12.81 5.11 11.03
N ASN A 257 12.05 4.29 11.75
CA ASN A 257 10.67 4.63 12.00
C ASN A 257 10.58 5.93 12.77
N GLU A 258 11.44 6.09 13.76
CA GLU A 258 11.39 7.31 14.57
C GLU A 258 11.80 8.53 13.74
N LYS A 259 12.82 8.38 12.90
CA LYS A 259 13.32 9.48 12.10
C LYS A 259 12.32 9.86 11.03
N LEU A 260 11.74 8.87 10.35
CA LEU A 260 10.80 9.17 9.30
C LEU A 260 9.51 9.79 9.87
N LEU A 261 9.04 9.28 10.99
CA LEU A 261 7.86 9.86 11.62
C LEU A 261 8.11 11.29 12.05
N ASP A 262 9.31 11.61 12.52
CA ASP A 262 9.54 12.99 12.90
C ASP A 262 9.45 13.92 11.69
N ILE A 263 10.00 13.50 10.54
CA ILE A 263 9.86 14.32 9.31
C ILE A 263 8.38 14.52 8.96
N PHE A 264 7.58 13.43 9.00
CA PHE A 264 6.16 13.50 8.67
C PHE A 264 5.41 14.41 9.63
N ARG A 265 5.72 14.37 10.94
CA ARG A 265 5.07 15.30 11.87
C ARG A 265 5.42 16.74 11.50
N ARG A 266 6.68 16.98 11.18
CA ARG A 266 7.10 18.36 10.86
C ARG A 266 6.38 18.88 9.64
N TYR A 267 6.06 18.00 8.68
CA TYR A 267 5.46 18.41 7.42
C TYR A 267 4.03 17.91 7.26
N SER A 268 3.33 17.67 8.38
CA SER A 268 1.97 17.19 8.32
C SER A 268 1.04 18.17 7.63
N SER A 269 1.39 19.47 7.63
CA SER A 269 0.51 20.43 6.96
C SER A 269 0.57 20.31 5.44
N VAL A 270 1.67 19.79 4.90
CA VAL A 270 1.80 19.57 3.47
C VAL A 270 1.34 18.19 3.02
N ILE A 271 1.50 17.19 3.88
CA ILE A 271 1.20 15.79 3.50
C ILE A 271 -0.29 15.54 3.66
N ALA A 272 -0.98 15.32 2.54
CA ALA A 272 -2.42 15.10 2.53
C ALA A 272 -2.78 13.63 2.52
N GLY A 273 -1.80 12.75 2.38
CA GLY A 273 -2.08 11.35 2.46
C GLY A 273 -0.81 10.55 2.51
N GLN A 274 -0.88 9.41 3.20
CA GLN A 274 0.14 8.38 3.15
C GLN A 274 -0.49 7.04 2.78
N PHE A 275 0.16 6.34 1.83
CA PHE A 275 -0.41 5.12 1.24
C PHE A 275 0.69 4.07 1.16
N TYR A 276 0.45 2.91 1.78
CA TYR A 276 1.43 1.84 1.89
C TYR A 276 0.82 0.49 1.51
N GLY A 277 1.70 -0.45 1.22
CA GLY A 277 1.34 -1.83 0.97
C GLY A 277 2.09 -2.73 1.94
N HIS A 278 2.65 -3.82 1.42
CA HIS A 278 3.47 -4.81 2.15
C HIS A 278 2.77 -5.73 3.16
N THR A 279 1.83 -5.23 3.95
CA THR A 279 1.24 -6.05 4.98
C THR A 279 0.22 -7.03 4.42
N HIS A 280 -0.30 -6.80 3.22
CA HIS A 280 -1.34 -7.61 2.60
C HIS A 280 -2.65 -7.55 3.36
N ARG A 281 -2.81 -6.49 4.14
CA ARG A 281 -3.98 -6.28 4.97
C ARG A 281 -4.51 -4.86 4.79
N ASP A 282 -5.79 -4.71 5.12
CA ASP A 282 -6.47 -3.41 5.11
C ASP A 282 -6.35 -2.79 6.49
N SER A 283 -5.51 -1.76 6.63
CA SER A 283 -5.29 -1.17 7.94
C SER A 283 -5.27 0.34 7.85
N LEU A 284 -5.68 0.97 8.96
CA LEU A 284 -5.58 2.40 9.15
C LEU A 284 -4.52 2.69 10.19
N MET A 285 -3.93 3.88 10.09
CA MET A 285 -3.10 4.43 11.14
CA MET A 285 -3.10 4.43 11.14
C MET A 285 -3.35 5.92 11.21
N VAL A 286 -3.21 6.50 12.39
CA VAL A 286 -3.35 7.94 12.55
C VAL A 286 -2.09 8.43 13.26
N LEU A 287 -1.24 9.15 12.53
CA LEU A 287 -0.06 9.79 13.14
C LEU A 287 -0.55 10.96 13.97
N SER A 288 -0.18 10.98 15.25
CA SER A 288 -0.51 12.04 16.18
C SER A 288 0.76 12.57 16.81
N ASP A 289 0.64 13.75 17.45
CA ASP A 289 1.79 14.27 18.18
C ASP A 289 1.91 13.54 19.51
N LYS A 290 2.92 13.95 20.30
CA LYS A 290 3.22 13.27 21.56
C LYS A 290 2.04 13.33 22.52
N ASN A 291 1.20 14.35 22.40
CA ASN A 291 0.05 14.53 23.29
C ASN A 291 -1.24 13.94 22.73
N GLY A 292 -1.19 13.15 21.65
CA GLY A 292 -2.41 12.56 21.13
C GLY A 292 -3.24 13.44 20.21
N ASN A 293 -2.68 14.54 19.72
CA ASN A 293 -3.41 15.37 18.74
C ASN A 293 -3.17 14.82 17.34
N PRO A 294 -4.22 14.53 16.57
CA PRO A 294 -4.03 13.89 15.27
C PRO A 294 -3.45 14.81 14.22
N LEU A 295 -2.54 14.26 13.44
CA LEU A 295 -1.77 15.00 12.46
C LEU A 295 -1.90 14.50 11.04
N ASN A 296 -1.98 13.19 10.82
CA ASN A 296 -1.84 12.70 9.46
C ASN A 296 -2.43 11.31 9.38
N SER A 297 -3.22 11.07 8.34
CA SER A 297 -3.92 9.80 8.13
C SER A 297 -3.08 8.89 7.24
N VAL A 298 -3.12 7.58 7.53
CA VAL A 298 -2.29 6.58 6.87
C VAL A 298 -3.16 5.40 6.45
N PHE A 299 -3.00 4.95 5.18
CA PHE A 299 -3.90 3.94 4.62
C PHE A 299 -3.04 2.83 4.06
N VAL A 300 -3.12 1.68 4.69
CA VAL A 300 -2.43 0.45 4.26
C VAL A 300 -3.44 -0.38 3.47
N ALA A 301 -3.12 -0.66 2.24
CA ALA A 301 -4.03 -1.36 1.34
C ALA A 301 -3.69 -2.85 1.26
N PRO A 302 -4.70 -3.73 1.18
CA PRO A 302 -4.46 -5.17 1.08
C PRO A 302 -3.98 -5.53 -0.31
N ALA A 303 -3.44 -6.74 -0.42
CA ALA A 303 -2.79 -7.20 -1.63
C ALA A 303 -3.80 -7.76 -2.64
N VAL A 304 -3.34 -7.88 -3.89
CA VAL A 304 -4.07 -8.71 -4.85
C VAL A 304 -3.80 -10.20 -4.57
N THR A 305 -2.54 -10.58 -4.26
CA THR A 305 -2.28 -11.98 -3.94
C THR A 305 -3.03 -12.37 -2.68
N PRO A 306 -3.55 -13.61 -2.63
CA PRO A 306 -4.16 -14.13 -1.40
C PRO A 306 -3.22 -14.99 -0.55
N VAL A 307 -1.95 -15.07 -0.91
CA VAL A 307 -1.03 -16.06 -0.38
C VAL A 307 -0.92 -15.99 1.13
N LYS A 308 -0.82 -17.16 1.75
CA LYS A 308 -0.44 -17.28 3.16
CA LYS A 308 -0.44 -17.28 3.16
C LYS A 308 0.52 -18.45 3.33
N GLY A 309 1.18 -18.48 4.48
CA GLY A 309 1.96 -19.65 4.83
C GLY A 309 1.08 -20.72 5.45
N VAL A 310 1.56 -21.97 5.44
CA VAL A 310 0.78 -23.06 6.05
C VAL A 310 0.45 -22.76 7.51
N LEU A 311 1.35 -22.08 8.20
CA LEU A 311 1.21 -21.86 9.65
C LEU A 311 0.09 -20.89 9.98
N GLN A 312 -0.31 -20.07 9.01
CA GLN A 312 -1.27 -19.01 9.26
C GLN A 312 -2.69 -19.53 9.17
N LYS A 313 -3.54 -19.07 10.08
CA LYS A 313 -4.94 -19.47 9.97
C LYS A 313 -5.70 -18.67 8.93
N GLU A 314 -5.43 -17.36 8.86
CA GLU A 314 -6.20 -16.42 8.07
C GLU A 314 -5.34 -15.91 6.92
N THR A 315 -6.03 -15.40 5.90
CA THR A 315 -5.38 -14.62 4.86
C THR A 315 -6.37 -13.57 4.39
N ASN A 316 -6.01 -12.85 3.32
CA ASN A 316 -6.83 -11.83 2.71
C ASN A 316 -7.45 -12.39 1.44
N ASN A 317 -8.67 -11.94 1.13
CA ASN A 317 -9.14 -11.96 -0.25
C ASN A 317 -8.38 -10.91 -1.07
N PRO A 318 -8.18 -11.16 -2.37
CA PRO A 318 -7.67 -10.10 -3.25
C PRO A 318 -8.45 -8.80 -3.12
N GLY A 319 -7.71 -7.70 -3.13
CA GLY A 319 -8.32 -6.38 -3.06
C GLY A 319 -7.64 -5.37 -3.97
N VAL A 320 -8.44 -4.38 -4.38
CA VAL A 320 -7.96 -3.13 -4.97
C VAL A 320 -8.84 -2.00 -4.44
N ARG A 321 -8.32 -0.79 -4.43
CA ARG A 321 -9.03 0.31 -3.80
C ARG A 321 -8.94 1.60 -4.59
N LEU A 322 -9.92 2.47 -4.30
CA LEU A 322 -10.10 3.76 -4.94
CA LEU A 322 -10.09 3.77 -4.94
C LEU A 322 -10.20 4.82 -3.85
N PHE A 323 -9.48 5.93 -4.01
CA PHE A 323 -9.66 7.09 -3.16
C PHE A 323 -10.38 8.19 -3.90
N GLN A 324 -11.13 8.97 -3.13
CA GLN A 324 -11.75 10.20 -3.60
C GLN A 324 -11.14 11.37 -2.85
N TYR A 325 -10.91 12.47 -3.58
CA TYR A 325 -10.30 13.65 -2.99
C TYR A 325 -10.90 14.93 -3.57
N LYS A 326 -10.64 16.01 -2.86
CA LYS A 326 -11.19 17.30 -3.22
C LYS A 326 -10.35 17.91 -4.34
N PRO A 327 -10.91 18.17 -5.53
CA PRO A 327 -10.08 18.68 -6.63
C PRO A 327 -9.41 19.98 -6.24
N GLY A 328 -8.17 20.14 -6.71
CA GLY A 328 -7.39 21.32 -6.46
C GLY A 328 -7.00 21.53 -5.01
N ASP A 329 -7.49 20.69 -4.12
CA ASP A 329 -7.22 20.84 -2.69
C ASP A 329 -6.54 19.61 -2.08
N TYR A 330 -6.98 18.43 -2.48
CA TYR A 330 -6.32 17.12 -2.33
C TYR A 330 -6.59 16.53 -0.95
N THR A 331 -7.40 17.18 -0.11
CA THR A 331 -8.01 16.54 1.05
C THR A 331 -8.72 15.28 0.65
N LEU A 332 -8.47 14.21 1.39
CA LEU A 332 -9.10 12.92 1.10
C LEU A 332 -10.51 12.87 1.65
N LEU A 333 -11.46 12.51 0.78
CA LEU A 333 -12.87 12.50 1.09
C LEU A 333 -13.42 11.11 1.39
N ASP A 334 -12.89 10.08 0.74
CA ASP A 334 -13.42 8.74 0.92
C ASP A 334 -12.43 7.74 0.35
N MET A 335 -12.68 6.50 0.69
CA MET A 335 -11.97 5.35 0.16
CA MET A 335 -11.97 5.35 0.15
C MET A 335 -13.00 4.26 -0.10
N VAL A 336 -12.92 3.65 -1.28
CA VAL A 336 -13.79 2.57 -1.67
C VAL A 336 -12.90 1.34 -1.83
N GLN A 337 -13.17 0.33 -1.03
CA GLN A 337 -12.44 -0.94 -1.09
C GLN A 337 -13.25 -1.96 -1.88
N TYR A 338 -12.64 -2.49 -2.93
CA TYR A 338 -13.18 -3.57 -3.73
C TYR A 338 -12.43 -4.86 -3.43
N TYR A 339 -13.08 -5.98 -3.71
CA TYR A 339 -12.45 -7.29 -3.46
C TYR A 339 -13.01 -8.37 -4.37
N LEU A 340 -12.28 -9.48 -4.41
CA LEU A 340 -12.68 -10.70 -5.08
C LEU A 340 -12.89 -11.78 -4.03
N ASN A 341 -14.08 -12.32 -3.97
CA ASN A 341 -14.33 -13.49 -3.15
C ASN A 341 -13.68 -14.66 -3.86
N LEU A 342 -12.48 -15.03 -3.41
CA LEU A 342 -11.69 -15.98 -4.18
C LEU A 342 -12.36 -17.37 -4.21
N THR A 343 -12.93 -17.83 -3.09
CA THR A 343 -13.56 -19.15 -3.07
CA THR A 343 -13.57 -19.15 -3.07
C THR A 343 -14.74 -19.20 -4.05
N GLU A 344 -15.59 -18.17 -4.02
CA GLU A 344 -16.73 -18.07 -4.94
C GLU A 344 -16.26 -18.05 -6.39
N ALA A 345 -15.25 -17.23 -6.70
CA ALA A 345 -14.76 -17.08 -8.06
C ALA A 345 -14.22 -18.40 -8.60
N ASN A 346 -13.50 -19.14 -7.75
CA ASN A 346 -12.93 -20.43 -8.16
C ASN A 346 -14.02 -21.49 -8.34
N LEU A 347 -15.08 -21.43 -7.54
CA LEU A 347 -16.11 -22.46 -7.59
C LEU A 347 -16.84 -22.38 -8.92
N LYS A 348 -17.24 -21.18 -9.33
CA LYS A 348 -17.98 -21.04 -10.57
C LYS A 348 -17.07 -20.73 -11.76
N GLY A 349 -15.81 -20.39 -11.52
CA GLY A 349 -14.88 -20.14 -12.59
C GLY A 349 -15.03 -18.80 -13.24
N GLU A 350 -15.64 -17.85 -12.53
CA GLU A 350 -15.90 -16.53 -13.05
C GLU A 350 -15.71 -15.51 -11.95
N SER A 351 -14.98 -14.45 -12.26
CA SER A 351 -14.65 -13.45 -11.25
C SER A 351 -15.80 -12.45 -11.12
N ASN A 352 -16.03 -11.99 -9.91
CA ASN A 352 -16.99 -10.94 -9.65
C ASN A 352 -16.32 -9.98 -8.65
N TRP A 353 -15.35 -9.20 -9.12
CA TRP A 353 -14.81 -8.13 -8.29
C TRP A 353 -15.92 -7.19 -7.92
N THR A 354 -16.02 -6.87 -6.65
CA THR A 354 -17.20 -6.16 -6.19
C THR A 354 -16.87 -5.26 -5.02
N LEU A 355 -17.78 -4.35 -4.70
CA LEU A 355 -17.60 -3.46 -3.56
C LEU A 355 -17.56 -4.23 -2.26
N GLU A 356 -16.51 -3.96 -1.47
CA GLU A 356 -16.51 -4.43 -0.09
C GLU A 356 -17.13 -3.39 0.82
N TYR A 357 -16.65 -2.16 0.76
CA TYR A 357 -17.20 -1.10 1.60
C TYR A 357 -16.68 0.23 1.13
N VAL A 358 -17.42 1.26 1.53
CA VAL A 358 -17.05 2.66 1.38
C VAL A 358 -16.79 3.15 2.78
N LEU A 359 -15.61 3.72 2.99
CA LEU A 359 -15.18 3.98 4.36
C LEU A 359 -16.16 4.88 5.11
N THR A 360 -16.58 5.99 4.51
CA THR A 360 -17.46 6.90 5.25
C THR A 360 -18.78 6.25 5.63
N GLN A 361 -19.29 5.36 4.79
CA GLN A 361 -20.56 4.64 5.06
C GLN A 361 -20.36 3.53 6.07
N ALA A 362 -19.29 2.77 5.91
CA ALA A 362 -19.03 1.70 6.85
C ALA A 362 -18.90 2.24 8.27
N TYR A 363 -18.19 3.35 8.44
CA TYR A 363 -17.84 3.80 9.79
C TYR A 363 -18.56 5.06 10.23
N SER A 364 -19.43 5.61 9.38
CA SER A 364 -20.19 6.84 9.69
C SER A 364 -19.25 7.98 10.10
N VAL A 365 -18.24 8.24 9.25
CA VAL A 365 -17.38 9.39 9.43
C VAL A 365 -17.58 10.30 8.22
N ALA A 366 -17.24 11.57 8.41
CA ALA A 366 -17.51 12.60 7.41
C ALA A 366 -16.53 12.58 6.27
N ASP A 367 -15.28 12.21 6.56
CA ASP A 367 -14.21 12.27 5.58
C ASP A 367 -12.99 11.53 6.17
N LEU A 368 -11.84 11.67 5.51
CA LEU A 368 -10.65 10.92 5.89
C LEU A 368 -9.62 11.79 6.60
N GLN A 369 -10.04 12.93 7.09
CA GLN A 369 -9.10 13.80 7.75
C GLN A 369 -8.67 13.21 9.08
N PRO A 370 -7.46 13.57 9.57
CA PRO A 370 -6.94 12.98 10.82
C PRO A 370 -7.90 13.06 11.99
N LYS A 371 -8.58 14.18 12.17
CA LYS A 371 -9.49 14.30 13.30
C LYS A 371 -10.67 13.36 13.16
N SER A 372 -11.18 13.19 11.92
CA SER A 372 -12.31 12.28 11.70
C SER A 372 -11.91 10.85 12.03
N LEU A 373 -10.73 10.43 11.59
CA LEU A 373 -10.30 9.07 11.82
C LEU A 373 -9.88 8.88 13.26
N TYR A 374 -9.32 9.91 13.90
CA TYR A 374 -8.98 9.80 15.31
C TYR A 374 -10.22 9.50 16.14
N ALA A 375 -11.32 10.17 15.83
CA ALA A 375 -12.54 9.92 16.58
C ALA A 375 -13.06 8.49 16.30
N LEU A 376 -12.95 8.02 15.06
CA LEU A 376 -13.31 6.64 14.77
C LEU A 376 -12.49 5.66 15.62
N VAL A 377 -11.18 5.88 15.71
CA VAL A 377 -10.35 4.95 16.46
C VAL A 377 -10.67 5.01 17.94
N GLN A 378 -11.06 6.17 18.45
CA GLN A 378 -11.54 6.20 19.84
C GLN A 378 -12.76 5.32 20.02
N GLN A 379 -13.64 5.28 19.03
CA GLN A 379 -14.78 4.35 19.04
C GLN A 379 -14.31 2.90 19.07
N PHE A 380 -13.34 2.56 18.21
CA PHE A 380 -12.77 1.21 18.21
C PHE A 380 -12.38 0.78 19.62
N ALA A 381 -11.81 1.70 20.39
CA ALA A 381 -11.28 1.35 21.71
C ALA A 381 -12.36 0.98 22.71
N THR A 382 -13.63 1.33 22.46
CA THR A 382 -14.69 1.02 23.41
C THR A 382 -14.98 -0.48 23.46
N LYS A 383 -15.33 -0.95 24.66
CA LYS A 383 -15.59 -2.38 24.85
C LYS A 383 -16.65 -2.89 23.88
N ASP A 384 -16.34 -4.00 23.21
CA ASP A 384 -17.28 -4.64 22.26
C ASP A 384 -17.70 -3.71 21.12
N SER A 385 -16.85 -2.73 20.81
CA SER A 385 -17.14 -1.81 19.71
C SER A 385 -17.54 -2.56 18.45
N LYS A 386 -18.73 -2.26 17.92
CA LYS A 386 -19.14 -2.87 16.67
C LYS A 386 -18.38 -2.30 15.49
N GLN A 387 -17.91 -1.07 15.61
CA GLN A 387 -17.04 -0.47 14.60
C GLN A 387 -15.75 -1.28 14.47
N PHE A 388 -15.13 -1.63 15.60
CA PHE A 388 -13.89 -2.39 15.53
C PHE A 388 -14.11 -3.80 15.00
N LEU A 389 -15.23 -4.44 15.38
CA LEU A 389 -15.54 -5.75 14.83
C LEU A 389 -15.62 -5.69 13.32
N LYS A 390 -16.28 -4.67 12.81
CA LYS A 390 -16.33 -4.48 11.37
C LYS A 390 -14.92 -4.29 10.78
N TYR A 391 -14.14 -3.45 11.42
CA TYR A 391 -12.77 -3.19 10.96
C TYR A 391 -11.93 -4.48 10.94
N TYR A 392 -12.08 -5.32 11.96
CA TYR A 392 -11.31 -6.57 11.98
C TYR A 392 -11.77 -7.52 10.86
N HIS A 393 -13.06 -7.50 10.54
CA HIS A 393 -13.55 -8.27 9.39
C HIS A 393 -12.91 -7.76 8.09
N TYR A 394 -12.79 -6.44 7.94
CA TYR A 394 -12.23 -5.85 6.72
C TYR A 394 -10.71 -5.97 6.66
N TYR A 395 -10.08 -6.21 7.81
CA TYR A 395 -8.62 -6.30 7.88
C TYR A 395 -8.10 -7.42 6.97
N PHE A 396 -8.81 -8.54 6.94
CA PHE A 396 -8.58 -9.70 6.09
C PHE A 396 -9.38 -9.64 4.78
N VAL A 397 -9.90 -8.48 4.43
CA VAL A 397 -10.72 -8.26 3.24
C VAL A 397 -11.86 -9.30 3.19
N SER A 398 -12.56 -9.43 4.30
CA SER A 398 -13.79 -10.24 4.41
C SER A 398 -13.51 -11.71 4.14
N TYR A 399 -12.27 -12.16 4.36
CA TYR A 399 -11.94 -13.57 4.17
C TYR A 399 -12.71 -14.49 5.13
N ASP A 400 -12.90 -14.05 6.37
CA ASP A 400 -13.44 -14.93 7.41
C ASP A 400 -14.32 -14.14 8.37
N SER A 401 -15.64 -14.22 8.19
CA SER A 401 -16.57 -13.49 9.05
C SER A 401 -16.59 -14.01 10.48
N SER A 402 -16.09 -15.21 10.72
CA SER A 402 -16.06 -15.74 12.06
C SER A 402 -14.72 -15.51 12.74
N ALA A 403 -13.72 -14.94 12.05
CA ALA A 403 -12.47 -14.57 12.72
C ALA A 403 -12.75 -13.64 13.89
N THR A 404 -12.10 -13.92 15.02
CA THR A 404 -12.31 -13.14 16.22
C THR A 404 -10.99 -12.56 16.68
N CYS A 405 -11.10 -11.49 17.46
CA CYS A 405 -9.96 -10.74 17.97
C CYS A 405 -10.18 -10.64 19.48
N ASP A 406 -9.48 -11.48 20.24
CA ASP A 406 -9.59 -11.45 21.70
C ASP A 406 -8.98 -10.17 22.27
N GLN A 407 -9.00 -10.06 23.59
CA GLN A 407 -8.60 -8.81 24.25
C GLN A 407 -7.16 -8.42 23.88
N HIS A 408 -6.24 -9.40 23.90
CA HIS A 408 -4.84 -9.15 23.55
C HIS A 408 -4.71 -8.74 22.08
N CYS A 409 -5.35 -9.51 21.21
CA CYS A 409 -5.40 -9.17 19.78
CA CYS A 409 -5.38 -9.18 19.80
C CYS A 409 -5.85 -7.73 19.56
N LYS A 410 -6.92 -7.31 20.26
CA LYS A 410 -7.49 -6.00 20.02
C LYS A 410 -6.60 -4.90 20.56
N THR A 411 -6.02 -5.11 21.73
CA THR A 411 -5.05 -4.16 22.24
C THR A 411 -3.94 -3.92 21.22
N LEU A 412 -3.41 -4.99 20.62
CA LEU A 412 -2.35 -4.80 19.65
C LEU A 412 -2.84 -4.02 18.44
N GLN A 413 -4.01 -4.37 17.91
CA GLN A 413 -4.56 -3.69 16.75
C GLN A 413 -4.77 -2.21 17.05
N VAL A 414 -5.52 -1.90 18.10
CA VAL A 414 -5.86 -0.53 18.38
C VAL A 414 -4.62 0.30 18.74
N CYS A 415 -3.71 -0.27 19.54
CA CYS A 415 -2.51 0.47 19.87
CA CYS A 415 -2.51 0.45 19.88
C CYS A 415 -1.70 0.82 18.63
N ALA A 416 -1.64 -0.09 17.65
CA ALA A 416 -0.88 0.20 16.44
C ALA A 416 -1.58 1.20 15.51
N ILE A 417 -2.90 1.17 15.47
CA ILE A 417 -3.66 2.12 14.68
C ILE A 417 -3.40 3.52 15.17
N MET A 418 -3.39 3.68 16.48
CA MET A 418 -3.39 4.96 17.14
CA MET A 418 -3.38 4.96 17.14
C MET A 418 -1.98 5.49 17.43
N ASN A 419 -0.96 4.64 17.49
CA ASN A 419 0.33 5.05 18.05
C ASN A 419 1.47 4.58 17.17
N LEU A 420 2.05 5.48 16.37
CA LEU A 420 3.03 5.09 15.35
C LEU A 420 4.47 5.10 15.84
N ASP A 421 4.77 5.85 16.88
CA ASP A 421 6.12 5.97 17.46
C ASP A 421 6.25 5.16 18.76
N SER A 422 7.51 4.88 19.15
CA SER A 422 7.77 3.95 20.24
CA SER A 422 7.78 3.95 20.24
C SER A 422 7.22 4.45 21.56
N MET A 423 7.39 5.75 21.86
CA MET A 423 6.93 6.26 23.15
C MET A 423 5.42 6.12 23.32
N SER A 424 4.65 6.58 22.32
CA SER A 424 3.20 6.52 22.42
CA SER A 424 3.20 6.52 22.40
C SER A 424 2.70 5.08 22.34
N TYR A 425 3.35 4.24 21.53
CA TYR A 425 2.94 2.84 21.41
C TYR A 425 3.17 2.11 22.72
N ASP A 426 4.36 2.25 23.32
CA ASP A 426 4.64 1.59 24.57
C ASP A 426 3.76 2.12 25.69
N ASP A 427 3.46 3.42 25.71
CA ASP A 427 2.51 3.94 26.69
CA ASP A 427 2.51 3.94 26.69
C ASP A 427 1.14 3.33 26.52
N CYS A 428 0.70 3.11 25.28
CA CYS A 428 -0.59 2.49 25.07
C CYS A 428 -0.60 1.05 25.63
N LEU A 429 0.48 0.31 25.41
CA LEU A 429 0.58 -1.03 25.97
C LEU A 429 0.52 -0.97 27.49
N LYS A 430 1.26 -0.05 28.09
CA LYS A 430 1.25 0.08 29.54
C LYS A 430 -0.16 0.23 30.06
N GLN A 431 -0.94 1.09 29.41
CA GLN A 431 -2.29 1.34 29.89
C GLN A 431 -3.26 0.21 29.60
N HIS A 432 -3.03 -0.63 28.58
CA HIS A 432 -4.11 -1.47 28.09
C HIS A 432 -3.81 -2.95 28.03
N LEU A 433 -2.57 -3.37 28.21
CA LEU A 433 -2.30 -4.80 28.29
C LEU A 433 -3.05 -5.41 29.48
C1 NAG B . 0.03 -33.69 -0.40
C2 NAG B . 0.93 -34.23 0.72
C3 NAG B . 1.23 -35.72 0.52
C4 NAG B . -0.05 -36.50 0.25
C5 NAG B . -0.89 -35.82 -0.83
C6 NAG B . -2.26 -36.44 -0.99
C7 NAG B . 2.42 -32.54 1.67
C8 NAG B . 3.74 -31.86 1.58
N2 NAG B . 2.18 -33.49 0.77
O3 NAG B . 1.83 -36.25 1.70
O4 NAG B . 0.38 -37.80 -0.16
O5 NAG B . -1.13 -34.46 -0.48
O6 NAG B . -2.91 -36.55 0.27
O7 NAG B . 1.58 -32.24 2.53
H1 NAG B . 0.51 -33.72 -1.25
H2 NAG B . 0.47 -34.12 1.57
H3 NAG B . 1.84 -35.82 -0.24
H4 NAG B . -0.57 -36.58 1.07
H5 NAG B . -0.42 -35.87 -1.68
H61 NAG B . -2.81 -35.87 -1.58
H62 NAG B . -2.18 -37.32 -1.39
H81 NAG B . 4.45 -32.51 1.69
H82 NAG B . 3.81 -31.19 2.28
H83 NAG B . 3.82 -31.43 0.71
HN2 NAG B . 2.83 -33.68 0.15
HO3 NAG B . 2.71 -36.19 1.63
C1 NAG B . -0.30 -38.85 0.56
C2 NAG B . 0.08 -40.11 -0.15
C3 NAG B . -0.80 -41.21 0.37
C4 NAG B . -0.47 -41.47 1.84
C5 NAG B . -0.05 -40.22 2.65
C6 NAG B . 1.28 -40.43 3.34
C7 NAG B . -1.15 -39.92 -2.29
C8 NAG B . -1.00 -39.79 -3.78
N2 NAG B . 0.00 -39.98 -1.60
O3 NAG B . -0.62 -42.42 -0.37
O4 NAG B . -1.58 -42.09 2.48
O5 NAG B . 0.08 -38.96 1.94
O6 NAG B . 2.30 -40.76 2.39
O7 NAG B . -2.24 -39.97 -1.74
H1 NAG B . -1.26 -38.73 0.49
H2 NAG B . 1.00 -40.32 0.09
H3 NAG B . -1.74 -40.95 0.29
H4 NAG B . 0.27 -42.10 1.86
H5 NAG B . -0.72 -40.09 3.35
H61 NAG B . 1.20 -41.16 3.98
H62 NAG B . 1.53 -39.61 3.81
H81 NAG B . -1.89 -39.75 -4.18
H82 NAG B . -0.52 -40.55 -4.13
H83 NAG B . -0.51 -38.97 -3.99
HN2 NAG B . 0.78 -39.94 -2.06
HO3 NAG B . -1.26 -42.49 -0.99
HO4 NAG B . -1.30 -42.80 2.93
HO6 NAG B . 2.18 -41.59 2.11
C1 FUC B . -4.17 -37.21 0.09
C2 FUC B . -4.72 -37.59 1.50
C3 FUC B . -5.26 -36.39 2.26
C4 FUC B . -6.36 -35.69 1.41
C5 FUC B . -5.80 -35.28 0.02
C6 FUC B . -6.89 -34.87 -0.98
O2 FUC B . -3.75 -38.32 2.27
O3 FUC B . -5.84 -36.82 3.50
O4 FUC B . -7.51 -36.53 1.26
O5 FUC B . -5.04 -36.34 -0.65
H1 FUC B . -4.05 -38.09 -0.54
H2 FUC B . -5.56 -38.28 1.35
H3 FUC B . -4.44 -35.68 2.45
H4 FUC B . -6.65 -34.77 1.93
H5 FUC B . -5.12 -34.43 0.20
H61 FUC B . -7.45 -34.02 -0.61
H62 FUC B . -7.58 -35.72 -1.15
H63 FUC B . -6.43 -34.60 -1.94
HO2 FUC B . -3.09 -37.65 2.54
HO3 FUC B . -5.29 -36.43 4.20
HO4 FUC B . -7.25 -37.21 0.63
C1 NAG C . 2.93 -11.68 -18.69
C2 NAG C . 2.74 -11.52 -20.20
C3 NAG C . 1.55 -12.35 -20.66
C4 NAG C . 1.70 -13.79 -20.22
C5 NAG C . 1.97 -13.91 -18.72
C6 NAG C . 2.32 -15.33 -18.32
C7 NAG C . 3.53 -9.32 -20.96
C8 NAG C . 3.15 -7.92 -21.28
N2 NAG C . 2.54 -10.13 -20.57
O3 NAG C . 1.47 -12.28 -22.08
O4 NAG C . 0.49 -14.45 -20.52
O5 NAG C . 3.08 -13.08 -18.36
O6 NAG C . 2.99 -15.44 -17.06
O7 NAG C . 4.69 -9.70 -21.03
H1 NAG C . 2.15 -11.32 -18.23
H2 NAG C . 3.53 -11.86 -20.65
H3 NAG C . 0.74 -11.98 -20.27
H4 NAG C . 2.43 -14.22 -20.72
H5 NAG C . 1.18 -13.63 -18.24
H61 NAG C . 1.51 -15.86 -18.28
H62 NAG C . 2.91 -15.71 -19.00
H81 NAG C . 3.94 -7.41 -21.55
H82 NAG C . 2.49 -7.91 -21.99
H83 NAG C . 2.76 -7.50 -20.48
HN2 NAG C . 1.70 -9.78 -20.52
HO3 NAG C . 2.21 -12.63 -22.43
HO6 NAG C . 2.61 -16.09 -16.59
C1 NAG C . 0.73 -15.71 -21.17
C2 NAG C . -0.62 -16.17 -21.71
C3 NAG C . -0.45 -17.49 -22.50
C4 NAG C . 1.02 -17.94 -22.54
C5 NAG C . 2.03 -16.81 -22.81
C6 NAG C . 2.26 -16.55 -24.27
C7 NAG C . -1.39 -16.95 -19.48
C8 NAG C . -2.52 -16.97 -18.51
N2 NAG C . -1.61 -16.32 -20.65
O3 NAG C . -0.91 -17.30 -23.83
O4 NAG C . 1.38 -18.59 -21.32
O5 NAG C . 1.62 -15.57 -22.24
O6 NAG C . 3.45 -15.81 -24.48
O7 NAG C . -0.32 -17.50 -19.24
H1 NAG C . 1.07 -16.36 -20.53
H2 NAG C . -0.94 -15.49 -22.33
H3 NAG C . -0.98 -18.18 -22.07
H4 NAG C . 1.11 -18.60 -23.26
H5 NAG C . 2.88 -17.07 -22.40
H61 NAG C . 1.50 -16.06 -24.64
H62 NAG C . 2.34 -17.41 -24.74
H81 NAG C . -3.29 -17.42 -18.92
H82 NAG C . -2.77 -16.06 -18.27
H83 NAG C . -2.25 -17.45 -17.71
HN2 NAG C . -2.42 -15.93 -20.76
HO3 NAG C . -0.77 -18.04 -24.30
HO4 NAG C . 2.25 -18.79 -21.33
HO6 NAG C . 3.26 -15.03 -24.85
C1 NAG D . -17.44 -15.79 -0.31
C2 NAG D . -18.32 -15.33 0.83
C3 NAG D . -18.48 -16.47 1.83
C4 NAG D . -18.94 -17.75 1.12
C5 NAG D . -18.12 -18.03 -0.14
C6 NAG D . -18.69 -19.15 -1.00
C7 NAG D . -18.41 -13.04 1.76
C8 NAG D . -17.61 -11.95 2.42
N2 NAG D . -17.73 -14.16 1.47
O3 NAG D . -19.43 -16.06 2.82
O4 NAG D . -18.69 -18.86 1.97
O5 NAG D . -18.07 -16.87 -0.97
O6 NAG D . -20.01 -18.82 -1.38
O7 NAG D . -19.61 -12.91 1.50
H1 NAG D . -16.58 -16.07 0.03
H2 NAG D . -19.19 -15.09 0.48
H3 NAG D . -17.63 -16.64 2.27
H4 NAG D . -19.90 -17.70 0.91
H5 NAG D . -17.21 -18.26 0.12
H61 NAG D . -18.14 -19.25 -1.80
H62 NAG D . -18.68 -19.98 -0.49
H81 NAG D . -16.88 -11.69 1.84
H82 NAG D . -17.26 -12.28 3.27
H83 NAG D . -18.19 -11.19 2.58
HN2 NAG D . -16.85 -14.20 1.69
HO3 NAG D . -19.03 -16.02 3.61
HO6 NAG D . -20.04 -18.63 -2.24
C1 NAG D . -19.85 -19.64 2.29
C2 NAG D . -19.38 -21.00 2.85
C3 NAG D . -20.55 -21.84 3.36
C4 NAG D . -21.50 -21.00 4.23
C5 NAG D . -21.87 -19.72 3.50
C6 NAG D . -22.79 -18.83 4.27
C7 NAG D . -17.36 -21.96 1.84
C8 NAG D . -16.80 -22.75 0.68
N2 NAG D . -18.67 -21.75 1.83
O3 NAG D . -20.04 -22.94 4.11
O4 NAG D . -22.68 -21.75 4.48
O5 NAG D . -20.66 -18.98 3.24
O6 NAG D . -22.08 -17.94 5.13
O7 NAG D . -16.63 -21.53 2.75
H1 NAG D . -20.38 -19.79 1.47
H2 NAG D . -18.77 -20.84 3.60
H3 NAG D . -21.05 -22.19 2.60
H4 NAG D . -21.06 -20.79 5.07
H5 NAG D . -22.28 -19.96 2.65
H61 NAG D . -23.40 -19.38 4.82
H62 NAG D . -23.32 -18.30 3.65
H81 NAG D . -17.22 -23.63 0.67
H82 NAG D . -17.00 -22.28 -0.16
H83 NAG D . -15.84 -22.85 0.79
HN2 NAG D . -19.15 -22.09 1.13
HO3 NAG D . -20.64 -23.21 4.70
HO6 NAG D . -21.40 -18.39 5.50
C1 BMA D . -22.95 -21.84 5.89
C2 BMA D . -24.33 -22.47 6.01
C3 BMA D . -24.69 -22.54 7.49
C4 BMA D . -23.61 -23.20 8.36
C5 BMA D . -22.21 -22.64 8.03
C6 BMA D . -21.13 -23.48 8.64
O2 BMA D . -24.30 -23.80 5.48
O3 BMA D . -25.90 -23.26 7.69
O4 BMA D . -23.89 -22.95 9.73
O5 BMA D . -22.01 -22.67 6.60
O6 BMA D . -19.93 -22.87 8.29
H1 BMA D . -22.95 -20.84 6.34
H2 BMA D . -25.05 -21.85 5.47
H3 BMA D . -24.88 -21.53 7.88
H4 BMA D . -23.59 -24.28 8.15
H5 BMA D . -22.11 -21.62 8.42
H61 BMA D . -21.21 -24.51 8.25
H62 BMA D . -21.28 -23.50 9.72
HO2 BMA D . -24.46 -23.72 4.53
HO4 BMA D . -23.03 -22.71 10.14
C1 MAN D . -27.05 -22.41 7.86
C2 MAN D . -28.04 -23.30 8.63
C3 MAN D . -28.71 -24.23 7.64
C4 MAN D . -29.57 -23.42 6.61
C5 MAN D . -28.95 -21.99 6.29
C6 MAN D . -29.63 -20.84 7.03
O2 MAN D . -29.06 -22.53 9.30
O3 MAN D . -29.51 -25.22 8.30
O4 MAN D . -29.69 -24.17 5.38
O5 MAN D . -27.50 -21.95 6.59
O6 MAN D . -28.64 -20.05 7.69
H1 MAN D . -26.79 -21.52 8.43
H2 MAN D . -27.48 -23.89 9.36
H3 MAN D . -27.94 -24.77 7.08
H4 MAN D . -30.56 -23.26 7.05
H5 MAN D . -29.08 -21.81 5.21
H61 MAN D . -30.36 -21.25 7.75
H62 MAN D . -30.19 -20.24 6.28
HO2 MAN D . -29.92 -22.96 9.15
HO3 MAN D . -29.97 -25.70 7.59
HO4 MAN D . -29.96 -23.52 4.71
HO6 MAN D . -28.97 -19.14 7.77
C1 MAN D . -18.82 -23.49 8.97
C2 MAN D . -17.54 -22.66 8.61
C3 MAN D . -17.13 -22.90 7.13
C4 MAN D . -17.24 -24.41 6.71
C5 MAN D . -18.57 -25.07 7.20
C6 MAN D . -18.61 -26.58 6.98
O2 MAN D . -16.41 -23.01 9.42
O3 MAN D . -15.82 -22.39 6.85
O4 MAN D . -17.18 -24.51 5.29
O5 MAN D . -18.73 -24.85 8.62
O6 MAN D . -18.50 -26.84 5.59
H1 MAN D . -18.99 -23.49 10.06
H2 MAN D . -17.78 -21.60 8.74
H3 MAN D . -17.82 -22.34 6.49
H4 MAN D . -16.40 -24.95 7.18
H5 MAN D . -19.41 -24.62 6.65
H61 MAN D . -19.57 -26.96 7.39
H62 MAN D . -17.79 -27.03 7.55
HO2 MAN D . -15.68 -23.29 8.85
HO3 MAN D . -15.67 -22.56 5.90
HO4 MAN D . -18.07 -24.27 4.98
HO6 MAN D . -19.37 -26.70 5.19
C1 NAG E . 13.36 25.53 3.59
C2 NAG E . 14.77 25.70 4.10
C3 NAG E . 14.95 27.08 4.70
C4 NAG E . 14.70 28.12 3.61
C5 NAG E . 13.29 27.92 3.03
C6 NAG E . 13.02 28.74 1.80
C7 NAG E . 15.87 23.63 4.80
C8 NAG E . 16.15 22.68 5.92
N2 NAG E . 15.10 24.68 5.09
O3 NAG E . 16.26 27.18 5.26
O4 NAG E . 14.89 29.43 4.12
O5 NAG E . 13.10 26.55 2.61
O6 NAG E . 14.04 28.51 0.82
O7 NAG E . 16.33 23.46 3.67
H1 NAG E . 12.73 25.64 4.33
H2 NAG E . 15.39 25.61 3.36
H3 NAG E . 14.30 27.20 5.41
H4 NAG E . 15.35 27.97 2.90
H5 NAG E . 12.63 28.14 3.71
H61 NAG E . 13.02 29.69 2.04
H62 NAG E . 12.16 28.50 1.43
H81 NAG E . 16.60 23.16 6.65
H82 NAG E . 16.73 21.96 5.60
H83 NAG E . 15.31 22.31 6.25
HN2 NAG E . 14.79 24.77 5.95
HO3 NAG E . 16.21 27.11 6.14
C1 NAG E . 15.55 30.32 3.16
C2 NAG E . 15.18 31.79 3.46
C3 NAG E . 16.41 32.69 3.34
C4 NAG E . 17.49 32.26 4.31
C5 NAG E . 17.79 30.76 4.17
C6 NAG E . 17.48 29.98 5.42
C7 NAG E . 12.89 32.53 2.96
C8 NAG E . 11.93 32.96 1.87
N2 NAG E . 14.13 32.24 2.56
O3 NAG E . 16.05 34.04 3.62
O4 NAG E . 18.68 33.00 4.07
O5 NAG E . 17.02 30.17 3.11
O6 NAG E . 18.51 30.11 6.39
O7 NAG E . 12.55 32.47 4.14
H1 NAG E . 15.20 30.10 2.27
H2 NAG E . 14.85 31.84 4.38
H3 NAG E . 16.76 32.64 2.42
H4 NAG E . 17.19 32.44 5.23
H5 NAG E . 18.74 30.66 3.97
H61 NAG E . 17.37 29.04 5.19
H62 NAG E . 16.64 30.30 5.81
H81 NAG E . 12.28 33.76 1.43
H82 NAG E . 11.05 33.15 2.27
H83 NAG E . 11.84 32.23 1.22
HN2 NAG E . 14.32 32.30 1.67
HO3 NAG E . 16.30 34.25 4.45
HO4 NAG E . 19.39 32.47 4.21
HO6 NAG E . 19.29 29.89 6.02
C1 FUC E . 13.60 29.10 -0.42
C2 FUC E . 14.82 29.20 -1.40
C3 FUC E . 14.83 28.08 -2.47
C4 FUC E . 13.53 28.15 -3.32
C5 FUC E . 12.29 28.47 -2.45
C6 FUC E . 11.72 29.89 -2.74
O2 FUC E . 16.07 29.31 -0.72
O3 FUC E . 15.94 28.34 -3.35
O4 FUC E . 13.67 29.12 -4.35
O5 FUC E . 12.55 28.31 -0.99
H1 FUC E . 13.16 30.08 -0.24
H2 FUC E . 14.70 30.14 -1.94
H3 FUC E . 14.92 27.10 -1.98
H4 FUC E . 13.36 27.16 -3.76
H5 FUC E . 11.53 27.73 -2.73
H61 FUC E . 10.85 30.09 -2.11
H62 FUC E . 11.41 29.96 -3.79
H63 FUC E . 12.47 30.65 -2.54
HO2 FUC E . 15.88 29.75 0.13
HO3 FUC E . 15.84 27.71 -4.09
HO4 FUC E . 14.32 28.74 -4.96
ZN ZN F . 3.89 -8.41 -0.62
ZN ZN G . 6.66 -6.52 0.92
P1 PC H . 6.07 -9.52 1.68
O1 PC H . 6.89 -10.81 1.85
O3 PC H . 5.12 -9.72 0.62
O4 PC H . 7.14 -8.50 1.39
O2 PC H . 5.41 -9.21 3.13
C1 PC H . 4.18 -9.81 3.39
C2 PC H . 3.82 -9.66 4.89
N1 PC H . 4.58 -10.56 5.75
C3 PC H . 6.02 -10.24 5.80
C4 PC H . 4.37 -11.96 5.36
C5 PC H . 4.02 -10.41 7.10
H11 PC H . 4.23 -10.76 3.17
H12 PC H . 3.50 -9.39 2.85
H21 PC H . 2.87 -9.83 5.01
H22 PC H . 4.00 -8.74 5.16
H31 PC H . 6.32 -9.96 4.92
H32 PC H . 6.52 -11.03 6.07
H33 PC H . 6.17 -9.53 6.44
H41 PC H . 4.88 -12.54 5.94
H42 PC H . 4.66 -12.09 4.44
H43 PC H . 3.42 -12.18 5.43
H51 PC H . 4.39 -9.60 7.51
H52 PC H . 4.25 -11.18 7.63
H53 PC H . 3.05 -10.32 7.05
C1 GOL I . 4.15 -18.11 1.10
O1 GOL I . 4.36 -19.46 1.46
C2 GOL I . 4.82 -17.23 2.16
O2 GOL I . 6.22 -17.13 1.88
C3 GOL I . 4.12 -15.86 2.20
O3 GOL I . 3.52 -15.66 3.48
H11 GOL I . 4.58 -17.91 0.13
H12 GOL I . 3.07 -17.90 1.06
HO1 GOL I . 3.88 -20.05 0.84
H2 GOL I . 4.68 -17.72 3.13
HO2 GOL I . 6.35 -16.69 1.02
H31 GOL I . 4.84 -15.07 2.00
H32 GOL I . 3.34 -15.82 1.43
HO3 GOL I . 2.88 -14.93 3.44
C1 GOL J . -1.89 -17.46 12.95
O1 GOL J . -1.89 -17.73 14.33
C2 GOL J . -3.18 -16.73 12.59
O2 GOL J . -3.68 -15.95 13.64
C3 GOL J . -2.91 -15.79 11.45
O3 GOL J . -4.17 -15.58 10.92
H11 GOL J . -1.03 -16.84 12.70
H12 GOL J . -1.82 -18.39 12.38
HO1 GOL J . -1.09 -18.26 14.55
H2 GOL J . -3.91 -17.46 12.27
HO2 GOL J . -3.03 -15.26 13.89
H31 GOL J . -2.48 -14.85 11.81
H32 GOL J . -2.25 -16.24 10.72
C1 GOL K . 21.16 -13.43 -14.72
O1 GOL K . 21.10 -12.26 -13.95
C2 GOL K . 19.75 -13.96 -14.64
O2 GOL K . 19.02 -12.78 -14.56
C3 GOL K . 19.28 -14.81 -15.82
O3 GOL K . 18.43 -15.84 -15.34
H11 GOL K . 21.44 -13.21 -15.75
H12 GOL K . 21.87 -14.15 -14.30
HO1 GOL K . 22.00 -11.87 -13.88
H2 GOL K . 19.65 -14.54 -13.73
HO2 GOL K . 19.11 -12.27 -15.39
H31 GOL K . 18.75 -14.19 -16.54
H32 GOL K . 20.14 -15.25 -16.32
HO3 GOL K . 17.52 -15.69 -15.67
C1 GOL L . -18.45 5.43 -5.94
O1 GOL L . -17.07 5.65 -6.21
C2 GOL L . -18.59 4.74 -4.59
O2 GOL L . -18.90 5.74 -3.60
C3 GOL L . -19.66 3.64 -4.63
O3 GOL L . -19.47 2.79 -5.74
H11 GOL L . -18.98 6.39 -5.94
H12 GOL L . -18.87 4.81 -6.72
HO1 GOL L . -16.96 6.04 -7.11
H2 GOL L . -17.64 4.28 -4.33
HO2 GOL L . -19.77 6.14 -3.81
H31 GOL L . -19.62 3.06 -3.71
H32 GOL L . -20.65 4.10 -4.69
HO3 GOL L . -20.01 3.11 -6.49
C1 GOL M . 5.86 28.98 5.30
O1 GOL M . 6.17 27.81 6.05
C2 GOL M . 4.68 28.70 4.38
O2 GOL M . 3.48 29.01 5.06
C3 GOL M . 4.82 29.52 3.12
O3 GOL M . 3.85 29.09 2.17
H11 GOL M . 5.60 29.79 5.99
H12 GOL M . 6.72 29.28 4.72
HO1 GOL M . 6.97 27.98 6.59
H2 GOL M . 4.69 27.64 4.12
HO2 GOL M . 3.48 29.96 5.30
H31 GOL M . 4.68 30.58 3.35
H32 GOL M . 5.82 29.40 2.70
HO3 GOL M . 3.56 29.86 1.64
C1 GOL N . 1.62 -13.83 11.59
O1 GOL N . 0.41 -13.69 12.33
C2 GOL N . 1.37 -13.64 10.10
O2 GOL N . 0.09 -13.07 9.89
C3 GOL N . 2.44 -12.74 9.45
O3 GOL N . 3.67 -13.44 9.30
H11 GOL N . 2.35 -13.11 11.95
H12 GOL N . 2.03 -14.84 11.77
HO1 GOL N . 0.57 -13.89 13.27
H2 GOL N . 1.42 -14.61 9.61
HO2 GOL N . 0.06 -12.17 10.29
H31 GOL N . 2.10 -12.42 8.47
H32 GOL N . 2.60 -11.86 10.06
HO3 GOL N . 4.30 -12.88 8.78
C1 GOL O . 19.67 13.16 -4.24
O1 GOL O . 19.23 11.82 -4.36
C2 GOL O . 19.94 13.50 -2.76
O2 GOL O . 21.30 13.30 -2.45
C3 GOL O . 19.52 14.95 -2.51
O3 GOL O . 19.76 15.31 -1.16
H11 GOL O . 20.60 13.29 -4.81
H12 GOL O . 18.93 13.84 -4.65
HO1 GOL O . 19.00 11.64 -5.29
H2 GOL O . 19.31 12.85 -2.15
HO2 GOL O . 21.86 13.90 -2.99
H31 GOL O . 20.07 15.63 -3.17
H32 GOL O . 18.45 15.07 -2.73
HO3 GOL O . 19.35 16.18 -0.97
#